data_5AX3
#
_entry.id   5AX3
#
_cell.length_a   43.835
_cell.length_b   66.465
_cell.length_c   116.871
_cell.angle_alpha   90.00
_cell.angle_beta   90.00
_cell.angle_gamma   90.00
#
_symmetry.space_group_name_H-M   'P 21 21 21'
#
loop_
_entity.id
_entity.type
_entity.pdbx_description
1 polymer 'Mitogen-activated protein kinase 1'
2 polymer 'allosteric and ATP-competitive inhibitor'
3 non-polymer (2R,3R,4S,5R)-2-(4-AMINO-5-IODO-7H-PYRROLO[2,3-D]PYRIMIDIN-7-YL)-5-(HYDROXYMETHYL)TETRAHYDROFURAN-3,4-DIOL
#
loop_
_entity_poly.entity_id
_entity_poly.type
_entity_poly.pdbx_seq_one_letter_code
_entity_poly.pdbx_strand_id
1 'polypeptide(L)'
;GDLGSDELMAAAAAAGAGPEMVRGQVFDVGPRYTNLSYIGEGAYGMVCSAYDNVNKVRVAIKKISPFEHQTYCQRTLREI
KILLRFRHENIIGINDIIRAPTIEQMKDVYIVQDLMETDLYKLLKTQHLSNDHICYFLYQILRGLKYIHSANVLHRDLKP
SNLLLNTTCDLKICDFGLARVADPDHDHTGFLTEYVATRWYRAPEIMLNSKGYTKSIDIWSVGCILAEMLSNRPIFPGKH
YLDQLNHILGILGSPSQEDLNCIINLKARNYLLSLPHKNKVPWNRLFPNADSKALDLLDKMLTFNPHKRIEVEQALAHPY
LEQYYDPSDEPIAEAPFKFDMELDDLPKEKLKELIFEETARFQPGYRS
;
A
2 'polypeptide(L)' LVKKYILALWNE B
#
loop_
_chem_comp.id
_chem_comp.type
_chem_comp.name
_chem_comp.formula
5ID non-polymer (2R,3R,4S,5R)-2-(4-AMINO-5-IODO-7H-PYRROLO[2,3-D]PYRIMIDIN-7-YL)-5-(HYDROXYMETHYL)TETRAHYDROFURAN-3,4-DIOL 'C11 H13 I N4 O4'
#
# COMPACT_ATOMS: atom_id res chain seq x y z
N GLY A 18 -20.12 -14.11 -24.51
CA GLY A 18 -21.21 -13.31 -24.00
C GLY A 18 -20.79 -12.40 -22.86
N PRO A 19 -20.82 -12.93 -21.63
CA PRO A 19 -20.39 -12.19 -20.44
C PRO A 19 -18.88 -12.26 -20.24
N GLU A 20 -18.19 -12.90 -21.19
CA GLU A 20 -16.73 -13.05 -21.15
C GLU A 20 -16.29 -13.75 -19.88
N MET A 21 -17.01 -14.80 -19.51
CA MET A 21 -16.67 -15.63 -18.35
C MET A 21 -15.26 -16.19 -18.46
N VAL A 22 -14.47 -16.01 -17.40
CA VAL A 22 -13.10 -16.52 -17.39
C VAL A 22 -12.84 -17.38 -16.15
N ARG A 23 -11.88 -18.30 -16.29
CA ARG A 23 -11.55 -19.26 -15.22
C ARG A 23 -12.78 -20.05 -14.79
N GLY A 24 -13.35 -19.66 -13.65
CA GLY A 24 -14.47 -20.39 -13.08
C GLY A 24 -15.78 -19.64 -13.04
N GLN A 25 -15.72 -18.32 -12.95
CA GLN A 25 -16.94 -17.52 -12.78
C GLN A 25 -17.11 -16.46 -13.86
N VAL A 26 -18.29 -15.83 -13.86
CA VAL A 26 -18.67 -14.82 -14.83
C VAL A 26 -17.89 -13.52 -14.60
N PHE A 27 -17.53 -12.84 -15.69
CA PHE A 27 -16.77 -11.59 -15.61
C PHE A 27 -17.34 -10.55 -16.56
N ASP A 28 -18.62 -10.22 -16.39
CA ASP A 28 -19.33 -9.32 -17.30
C ASP A 28 -18.82 -7.88 -17.21
N VAL A 29 -17.91 -7.53 -18.10
CA VAL A 29 -17.35 -6.19 -18.13
C VAL A 29 -17.87 -5.40 -19.32
N GLY A 30 -18.86 -5.96 -20.01
CA GLY A 30 -19.46 -5.30 -21.16
C GLY A 30 -18.55 -5.28 -22.37
N PRO A 31 -19.01 -4.65 -23.46
CA PRO A 31 -18.26 -4.59 -24.72
C PRO A 31 -17.01 -3.74 -24.64
N ARG A 32 -16.92 -2.91 -23.60
CA ARG A 32 -15.79 -2.01 -23.40
C ARG A 32 -14.45 -2.75 -23.32
N TYR A 33 -14.39 -3.75 -22.44
CA TYR A 33 -13.17 -4.50 -22.22
C TYR A 33 -13.27 -5.92 -22.79
N THR A 34 -12.15 -6.42 -23.29
CA THR A 34 -12.12 -7.75 -23.91
C THR A 34 -10.76 -8.43 -23.72
N ASN A 35 -10.63 -9.64 -24.25
CA ASN A 35 -9.40 -10.43 -24.17
C ASN A 35 -8.90 -10.59 -22.74
N LEU A 36 -9.76 -11.10 -21.88
CA LEU A 36 -9.45 -11.23 -20.45
C LEU A 36 -8.31 -12.22 -20.21
N SER A 37 -7.35 -11.80 -19.40
CA SER A 37 -6.27 -12.68 -18.98
C SER A 37 -6.22 -12.70 -17.45
N TYR A 38 -6.19 -13.90 -16.89
CA TYR A 38 -6.20 -14.08 -15.44
C TYR A 38 -4.84 -13.77 -14.85
N ILE A 39 -4.79 -12.77 -13.97
CA ILE A 39 -3.54 -12.42 -13.28
C ILE A 39 -3.40 -13.21 -11.99
N GLY A 40 -4.43 -13.18 -11.17
CA GLY A 40 -4.43 -13.90 -9.90
C GLY A 40 -5.16 -13.13 -8.82
N GLU A 41 -4.41 -12.41 -8.00
CA GLU A 41 -4.97 -11.66 -6.89
C GLU A 41 -3.96 -10.68 -6.33
N TYR A 44 -8.92 -8.21 -2.88
CA TYR A 44 -10.28 -8.43 -2.41
C TYR A 44 -10.93 -9.61 -3.13
N GLY A 45 -10.82 -9.61 -4.45
CA GLY A 45 -11.38 -10.67 -5.27
C GLY A 45 -10.50 -10.98 -6.47
N MET A 46 -11.11 -11.54 -7.51
CA MET A 46 -10.38 -11.91 -8.72
C MET A 46 -9.82 -10.69 -9.45
N VAL A 47 -8.59 -10.82 -9.93
CA VAL A 47 -7.95 -9.75 -10.70
C VAL A 47 -7.59 -10.23 -12.10
N CYS A 48 -8.00 -9.48 -13.10
CA CYS A 48 -7.75 -9.84 -14.48
C CYS A 48 -7.19 -8.67 -15.28
N SER A 49 -6.48 -8.99 -16.37
CA SER A 49 -5.97 -7.98 -17.28
C SER A 49 -6.76 -8.01 -18.59
N ALA A 50 -7.58 -6.98 -18.80
CA ALA A 50 -8.40 -6.89 -19.99
C ALA A 50 -7.80 -5.91 -20.99
N TYR A 51 -8.30 -5.93 -22.21
CA TYR A 51 -7.93 -4.92 -23.19
C TYR A 51 -9.01 -3.86 -23.30
N ASP A 52 -8.61 -2.61 -23.11
CA ASP A 52 -9.52 -1.50 -23.28
C ASP A 52 -9.60 -1.13 -24.75
N ASN A 53 -10.82 -0.98 -25.27
CA ASN A 53 -11.01 -0.56 -26.65
C ASN A 53 -11.25 0.94 -26.77
N VAL A 54 -11.76 1.56 -25.72
CA VAL A 54 -12.05 3.00 -25.72
C VAL A 54 -10.75 3.82 -25.69
N ASN A 55 -9.75 3.31 -24.97
CA ASN A 55 -8.45 3.97 -24.88
C ASN A 55 -7.35 3.18 -25.59
N LYS A 56 -7.73 2.02 -26.14
CA LYS A 56 -6.83 1.18 -26.93
C LYS A 56 -5.54 0.84 -26.19
N VAL A 57 -5.68 0.40 -24.94
CA VAL A 57 -4.54 0.02 -24.11
C VAL A 57 -4.98 -0.95 -23.02
N ARG A 58 -4.18 -2.00 -22.79
CA ARG A 58 -4.53 -3.01 -21.79
C ARG A 58 -4.65 -2.42 -20.40
N VAL A 59 -5.69 -2.82 -19.69
CA VAL A 59 -5.94 -2.32 -18.34
C VAL A 59 -6.09 -3.48 -17.35
N ALA A 60 -6.23 -3.15 -16.07
CA ALA A 60 -6.40 -4.15 -15.04
C ALA A 60 -7.77 -4.04 -14.40
N ILE A 61 -8.56 -5.11 -14.49
CA ILE A 61 -9.88 -5.13 -13.87
C ILE A 61 -9.90 -6.11 -12.72
N LYS A 62 -10.43 -5.68 -11.57
CA LYS A 62 -10.57 -6.58 -10.44
C LYS A 62 -12.03 -6.74 -10.05
N LYS A 63 -12.48 -7.99 -10.03
CA LYS A 63 -13.85 -8.30 -9.63
C LYS A 63 -13.93 -8.49 -8.12
N ILE A 64 -14.77 -7.70 -7.48
CA ILE A 64 -15.00 -7.84 -6.05
C ILE A 64 -16.49 -8.07 -5.80
N SER A 65 -16.79 -9.14 -5.07
CA SER A 65 -18.17 -9.50 -4.79
C SER A 65 -18.44 -9.56 -3.28
N PRO A 66 -18.71 -8.40 -2.66
CA PRO A 66 -18.93 -8.30 -1.22
C PRO A 66 -20.42 -8.45 -0.84
N PHE A 67 -20.90 -7.51 -0.03
CA PHE A 67 -22.31 -7.40 0.35
C PHE A 67 -22.82 -8.59 1.16
N GLU A 68 -21.93 -9.51 1.53
CA GLU A 68 -22.31 -10.64 2.36
C GLU A 68 -21.47 -10.66 3.64
N HIS A 69 -20.89 -9.52 3.97
CA HIS A 69 -20.07 -9.40 5.17
C HIS A 69 -20.06 -7.95 5.68
N GLN A 70 -19.86 -7.80 6.98
CA GLN A 70 -19.88 -6.49 7.63
C GLN A 70 -18.74 -5.58 7.17
N THR A 71 -17.53 -6.12 7.19
CA THR A 71 -16.34 -5.32 6.89
C THR A 71 -15.99 -5.31 5.41
N TYR A 72 -16.69 -6.12 4.62
CA TYR A 72 -16.48 -6.14 3.17
C TYR A 72 -16.85 -4.80 2.54
N CYS A 73 -18.09 -4.38 2.76
CA CYS A 73 -18.63 -3.18 2.12
C CYS A 73 -17.89 -1.91 2.54
N GLN A 74 -17.29 -1.93 3.72
CA GLN A 74 -16.60 -0.76 4.24
C GLN A 74 -15.29 -0.52 3.49
N ARG A 75 -14.42 -1.52 3.49
CA ARG A 75 -13.09 -1.38 2.90
C ARG A 75 -13.15 -1.10 1.40
N THR A 76 -14.14 -1.66 0.71
CA THR A 76 -14.28 -1.38 -0.71
C THR A 76 -14.81 0.03 -0.92
N LEU A 77 -15.71 0.47 -0.04
CA LEU A 77 -16.21 1.84 -0.10
C LEU A 77 -15.09 2.81 0.27
N ARG A 78 -14.30 2.42 1.26
CA ARG A 78 -13.19 3.25 1.72
C ARG A 78 -12.15 3.40 0.61
N GLU A 79 -11.91 2.31 -0.12
CA GLU A 79 -10.95 2.33 -1.21
C GLU A 79 -11.50 3.08 -2.42
N ILE A 80 -12.77 2.84 -2.73
CA ILE A 80 -13.40 3.50 -3.87
C ILE A 80 -13.46 5.02 -3.67
N LYS A 81 -13.87 5.45 -2.49
CA LYS A 81 -13.94 6.88 -2.18
C LYS A 81 -12.59 7.57 -2.33
N ILE A 82 -11.59 7.09 -1.59
CA ILE A 82 -10.28 7.71 -1.55
C ILE A 82 -9.60 7.77 -2.92
N LEU A 83 -9.62 6.65 -3.65
CA LEU A 83 -8.97 6.59 -4.95
C LEU A 83 -9.67 7.47 -5.99
N LEU A 84 -10.92 7.84 -5.72
CA LEU A 84 -11.67 8.70 -6.63
C LEU A 84 -11.32 10.17 -6.42
N ARG A 85 -10.98 10.55 -5.20
CA ARG A 85 -10.71 11.94 -4.87
C ARG A 85 -9.21 12.23 -4.83
N PHE A 86 -8.42 11.19 -5.08
CA PHE A 86 -6.97 11.35 -5.17
C PHE A 86 -6.48 11.33 -6.61
N ARG A 87 -5.48 12.16 -6.91
CA ARG A 87 -4.77 12.08 -8.18
C ARG A 87 -3.28 12.26 -7.91
N HIS A 88 -2.48 11.31 -8.40
CA HIS A 88 -1.05 11.31 -8.13
C HIS A 88 -0.30 10.44 -9.12
N GLU A 89 0.97 10.74 -9.33
CA GLU A 89 1.82 9.94 -10.22
C GLU A 89 2.26 8.66 -9.53
N ASN A 90 2.18 8.64 -8.20
CA ASN A 90 2.62 7.48 -7.44
C ASN A 90 1.51 6.81 -6.64
N ILE A 91 0.27 7.14 -6.97
CA ILE A 91 -0.88 6.45 -6.37
C ILE A 91 -1.78 5.91 -7.46
N ILE A 92 -2.13 4.63 -7.36
CA ILE A 92 -2.98 3.97 -8.34
C ILE A 92 -4.33 4.69 -8.44
N GLY A 93 -4.88 4.72 -9.64
CA GLY A 93 -6.13 5.45 -9.87
C GLY A 93 -7.17 4.65 -10.60
N ILE A 94 -8.41 4.72 -10.14
CA ILE A 94 -9.51 4.02 -10.77
C ILE A 94 -9.92 4.70 -12.07
N ASN A 95 -9.75 4.01 -13.19
CA ASN A 95 -10.11 4.56 -14.48
C ASN A 95 -11.60 4.45 -14.75
N ASP A 96 -12.21 3.37 -14.27
CA ASP A 96 -13.61 3.09 -14.53
C ASP A 96 -14.18 2.07 -13.54
N ILE A 97 -15.48 2.15 -13.29
CA ILE A 97 -16.16 1.14 -12.49
C ILE A 97 -17.42 0.66 -13.21
N ILE A 98 -17.66 -0.65 -13.19
CA ILE A 98 -18.82 -1.22 -13.88
C ILE A 98 -19.68 -2.04 -12.93
N ARG A 99 -21.00 -1.82 -12.98
CA ARG A 99 -21.95 -2.66 -12.27
C ARG A 99 -23.37 -2.51 -12.82
N ALA A 100 -24.31 -3.22 -12.20
CA ALA A 100 -25.69 -3.26 -12.66
C ALA A 100 -26.38 -1.90 -12.52
N PRO A 101 -27.38 -1.63 -13.39
CA PRO A 101 -28.12 -0.36 -13.35
C PRO A 101 -28.89 -0.16 -12.06
N THR A 102 -29.30 -1.24 -11.42
CA THR A 102 -30.16 -1.16 -10.24
C THR A 102 -29.50 -1.73 -8.99
N ILE A 103 -30.03 -1.35 -7.83
CA ILE A 103 -29.56 -1.85 -6.54
C ILE A 103 -29.71 -3.37 -6.45
N GLU A 104 -30.88 -3.85 -6.84
CA GLU A 104 -31.22 -5.26 -6.72
C GLU A 104 -30.29 -6.16 -7.52
N GLN A 105 -30.01 -5.77 -8.77
CA GLN A 105 -29.19 -6.56 -9.67
C GLN A 105 -27.69 -6.35 -9.46
N MET A 106 -27.35 -5.38 -8.61
CA MET A 106 -25.94 -5.10 -8.31
C MET A 106 -25.43 -6.03 -7.23
N LYS A 107 -24.65 -7.02 -7.62
CA LYS A 107 -24.07 -7.96 -6.67
C LYS A 107 -22.55 -7.93 -6.75
N ASP A 108 -22.03 -7.50 -7.90
CA ASP A 108 -20.60 -7.45 -8.13
C ASP A 108 -20.13 -6.07 -8.54
N VAL A 109 -18.90 -5.73 -8.18
CA VAL A 109 -18.30 -4.45 -8.55
C VAL A 109 -16.99 -4.67 -9.32
N TYR A 110 -16.82 -3.95 -10.42
CA TYR A 110 -15.63 -4.10 -11.24
C TYR A 110 -14.79 -2.83 -11.27
N ILE A 111 -13.68 -2.85 -10.54
CA ILE A 111 -12.78 -1.70 -10.46
C ILE A 111 -11.74 -1.77 -11.57
N VAL A 112 -11.86 -0.90 -12.57
CA VAL A 112 -10.92 -0.88 -13.69
C VAL A 112 -9.81 0.13 -13.44
N GLN A 113 -8.58 -0.36 -13.37
CA GLN A 113 -7.42 0.49 -13.15
C GLN A 113 -6.34 0.21 -14.20
N ASP A 114 -5.43 1.16 -14.41
CA ASP A 114 -4.40 1.00 -15.44
C ASP A 114 -3.47 -0.16 -15.10
N LEU A 115 -2.95 -0.80 -16.14
CA LEU A 115 -2.16 -2.02 -15.98
C LEU A 115 -0.73 -1.72 -15.55
N MET A 116 -0.18 -2.61 -14.71
CA MET A 116 1.20 -2.50 -14.26
C MET A 116 1.95 -3.78 -14.58
N GLU A 117 3.26 -3.69 -14.73
CA GLU A 117 4.08 -4.82 -15.14
C GLU A 117 4.34 -5.78 -13.99
N THR A 118 4.58 -5.23 -12.80
CA THR A 118 4.86 -6.05 -11.62
C THR A 118 4.73 -5.26 -10.33
N ASP A 119 4.97 -5.93 -9.21
CA ASP A 119 5.01 -5.26 -7.91
C ASP A 119 6.36 -5.51 -7.23
N LEU A 120 6.55 -4.91 -6.07
CA LEU A 120 7.85 -4.96 -5.40
C LEU A 120 8.16 -6.32 -4.78
N TYR A 121 7.12 -7.05 -4.37
CA TYR A 121 7.33 -8.38 -3.80
C TYR A 121 7.90 -9.32 -4.85
N LYS A 122 7.33 -9.27 -6.06
CA LYS A 122 7.84 -10.05 -7.19
C LYS A 122 9.19 -9.53 -7.65
N LEU A 123 9.46 -8.26 -7.33
CA LEU A 123 10.71 -7.62 -7.71
C LEU A 123 11.84 -8.03 -6.78
N LEU A 124 11.59 -7.95 -5.47
CA LEU A 124 12.61 -8.23 -4.47
C LEU A 124 13.12 -9.66 -4.54
N LYS A 125 12.26 -10.58 -4.99
CA LYS A 125 12.70 -11.93 -5.27
C LYS A 125 13.19 -12.01 -6.72
N THR A 126 14.14 -12.92 -6.97
CA THR A 126 14.67 -13.18 -8.32
C THR A 126 15.43 -11.99 -8.92
N GLN A 127 15.28 -10.80 -8.35
CA GLN A 127 15.94 -9.61 -8.89
C GLN A 127 16.63 -8.75 -7.81
N HIS A 128 17.69 -8.05 -8.21
CA HIS A 128 18.49 -7.22 -7.30
C HIS A 128 18.49 -5.76 -7.73
N LEU A 129 18.45 -4.84 -6.78
CA LEU A 129 18.41 -3.42 -7.10
C LEU A 129 19.72 -2.73 -6.73
N SER A 130 20.14 -1.79 -7.57
CA SER A 130 21.29 -0.95 -7.28
C SER A 130 20.87 0.15 -6.31
N ASN A 131 21.86 0.80 -5.70
CA ASN A 131 21.60 1.86 -4.74
C ASN A 131 20.82 3.02 -5.36
N ASP A 132 21.00 3.22 -6.66
CA ASP A 132 20.27 4.25 -7.38
C ASP A 132 18.81 3.84 -7.59
N HIS A 133 18.59 2.55 -7.80
CA HIS A 133 17.23 2.04 -7.98
C HIS A 133 16.47 1.94 -6.65
N ILE A 134 17.21 1.64 -5.58
CA ILE A 134 16.63 1.57 -4.24
C ILE A 134 16.19 2.96 -3.80
N CYS A 135 17.10 3.93 -3.90
CA CYS A 135 16.82 5.31 -3.55
C CYS A 135 15.63 5.86 -4.32
N TYR A 136 15.56 5.54 -5.61
CA TYR A 136 14.50 6.03 -6.47
C TYR A 136 13.13 5.50 -6.06
N PHE A 137 13.05 4.21 -5.78
CA PHE A 137 11.80 3.60 -5.35
C PHE A 137 11.32 4.16 -4.02
N LEU A 138 12.22 4.21 -3.04
CA LEU A 138 11.89 4.76 -1.73
C LEU A 138 11.38 6.18 -1.85
N TYR A 139 11.90 6.91 -2.83
CA TYR A 139 11.45 8.26 -3.11
C TYR A 139 10.01 8.27 -3.61
N GLN A 140 9.72 7.44 -4.61
CA GLN A 140 8.37 7.37 -5.17
C GLN A 140 7.37 6.87 -4.14
N ILE A 141 7.85 6.08 -3.18
CA ILE A 141 7.03 5.69 -2.05
C ILE A 141 6.74 6.90 -1.19
N LEU A 142 7.80 7.62 -0.84
CA LEU A 142 7.68 8.81 0.01
C LEU A 142 6.98 9.96 -0.69
N ARG A 143 7.33 10.20 -1.95
CA ARG A 143 6.68 11.26 -2.73
C ARG A 143 5.17 11.02 -2.79
N GLY A 144 4.79 9.76 -2.96
CA GLY A 144 3.40 9.38 -3.00
C GLY A 144 2.77 9.33 -1.62
N LEU A 145 3.54 8.89 -0.63
CA LEU A 145 3.03 8.77 0.72
C LEU A 145 2.74 10.13 1.35
N LYS A 146 3.55 11.13 1.00
CA LYS A 146 3.41 12.44 1.60
C LYS A 146 2.17 13.15 1.07
N TYR A 147 1.63 12.67 -0.05
CA TYR A 147 0.39 13.20 -0.58
C TYR A 147 -0.79 12.69 0.23
N ILE A 148 -0.89 11.38 0.37
CA ILE A 148 -1.97 10.77 1.13
C ILE A 148 -1.89 11.17 2.60
N HIS A 149 -0.68 11.31 3.12
CA HIS A 149 -0.50 11.75 4.50
C HIS A 149 -0.83 13.23 4.69
N SER A 150 -0.76 13.99 3.61
CA SER A 150 -1.10 15.41 3.67
C SER A 150 -2.61 15.59 3.84
N ALA A 151 -3.38 14.56 3.47
CA ALA A 151 -4.82 14.59 3.61
C ALA A 151 -5.29 13.93 4.90
N ASN A 152 -4.35 13.74 5.82
CA ASN A 152 -4.64 13.10 7.12
C ASN A 152 -5.27 11.73 6.99
N VAL A 153 -4.83 10.96 6.00
CA VAL A 153 -5.33 9.59 5.81
C VAL A 153 -4.23 8.57 6.01
N LEU A 154 -4.54 7.48 6.70
CA LEU A 154 -3.56 6.42 6.98
C LEU A 154 -3.76 5.21 6.07
N HIS A 155 -2.65 4.67 5.57
CA HIS A 155 -2.71 3.50 4.70
C HIS A 155 -2.87 2.23 5.53
N ARG A 156 -2.39 2.27 6.76
CA ARG A 156 -2.48 1.17 7.73
C ARG A 156 -1.74 -0.11 7.33
N ASP A 157 -1.92 -0.55 6.09
CA ASP A 157 -1.32 -1.80 5.64
C ASP A 157 -0.41 -1.61 4.43
N LEU A 158 0.82 -1.16 4.67
CA LEU A 158 1.79 -1.01 3.58
C LEU A 158 2.67 -2.24 3.45
N LYS A 159 2.76 -2.75 2.22
CA LYS A 159 3.50 -3.97 1.91
C LYS A 159 4.17 -3.87 0.55
N PRO A 160 5.23 -4.66 0.32
CA PRO A 160 5.84 -4.75 -1.01
C PRO A 160 4.82 -5.21 -2.05
N SER A 161 3.87 -6.04 -1.64
CA SER A 161 2.83 -6.54 -2.52
C SER A 161 1.82 -5.46 -2.88
N ASN A 162 1.82 -4.38 -2.10
CA ASN A 162 0.91 -3.26 -2.34
C ASN A 162 1.61 -2.12 -3.06
N LEU A 163 2.80 -2.40 -3.59
CA LEU A 163 3.56 -1.41 -4.33
C LEU A 163 3.77 -1.85 -5.78
N LEU A 164 2.81 -1.52 -6.64
CA LEU A 164 2.91 -1.88 -8.05
C LEU A 164 4.05 -1.12 -8.71
N LEU A 165 4.63 -1.70 -9.75
CA LEU A 165 5.77 -1.10 -10.44
C LEU A 165 5.54 -0.99 -11.94
N ASN A 166 5.63 0.23 -12.45
CA ASN A 166 5.52 0.49 -13.88
C ASN A 166 6.77 0.02 -14.62
N THR A 167 6.66 -0.17 -15.93
CA THR A 167 7.79 -0.59 -16.75
C THR A 167 8.96 0.38 -16.68
N THR A 168 8.65 1.67 -16.57
CA THR A 168 9.69 2.70 -16.55
C THR A 168 10.08 3.06 -15.12
N CYS A 169 10.11 2.05 -14.25
CA CYS A 169 10.45 2.21 -12.84
C CYS A 169 9.65 3.28 -12.12
N ASP A 170 8.35 3.33 -12.39
CA ASP A 170 7.46 4.20 -11.64
C ASP A 170 6.67 3.38 -10.64
N LEU A 171 6.55 3.88 -9.41
CA LEU A 171 5.92 3.13 -8.33
C LEU A 171 4.56 3.71 -7.98
N LYS A 172 3.59 2.82 -7.73
CA LYS A 172 2.26 3.22 -7.30
C LYS A 172 1.79 2.39 -6.13
N ILE A 173 0.91 2.97 -5.32
CA ILE A 173 0.45 2.34 -4.09
C ILE A 173 -1.02 1.92 -4.19
N CYS A 174 -1.35 0.75 -3.65
CA CYS A 174 -2.71 0.25 -3.66
C CYS A 174 -3.16 -0.16 -2.26
N ASP A 175 -4.18 -1.02 -2.19
CA ASP A 175 -4.68 -1.58 -0.93
C ASP A 175 -5.13 -0.51 0.05
N PHE A 176 -6.07 0.33 -0.35
CA PHE A 176 -6.60 1.37 0.52
C PHE A 176 -7.88 0.93 1.22
N GLY A 177 -8.08 -0.39 1.31
CA GLY A 177 -9.25 -0.92 1.98
C GLY A 177 -9.19 -0.71 3.48
N LEU A 178 -8.01 -0.94 4.06
CA LEU A 178 -7.83 -0.81 5.49
C LEU A 178 -7.52 0.63 5.88
N ALA A 179 -7.72 1.56 4.96
CA ALA A 179 -7.39 2.96 5.18
C ALA A 179 -8.35 3.62 6.18
N ARG A 180 -7.79 4.41 7.10
CA ARG A 180 -8.59 5.21 8.02
C ARG A 180 -8.00 6.60 8.19
N VAL A 181 -8.86 7.54 8.58
CA VAL A 181 -8.44 8.94 8.76
C VAL A 181 -7.57 9.10 10.01
N ALA A 182 -6.65 10.05 9.96
CA ALA A 182 -5.75 10.29 11.09
C ALA A 182 -6.52 10.80 12.31
N PHE A 191 -11.41 -1.91 12.29
CA PHE A 191 -11.36 -2.73 13.49
C PHE A 191 -9.92 -3.13 13.83
N LEU A 192 -8.98 -2.70 13.00
CA LEU A 192 -7.53 -2.91 13.20
C LEU A 192 -7.13 -4.39 13.19
N THR A 193 -7.84 -5.21 13.96
CA THR A 193 -7.48 -6.61 14.14
C THR A 193 -7.94 -7.50 12.99
N GLU A 194 -8.90 -7.01 12.20
CA GLU A 194 -9.50 -7.82 11.15
C GLU A 194 -8.49 -8.25 10.08
N TYR A 195 -8.87 -9.29 9.33
CA TYR A 195 -8.05 -9.99 8.34
C TYR A 195 -6.84 -9.24 7.79
N VAL A 196 -5.65 -9.73 8.13
CA VAL A 196 -4.40 -9.14 7.65
C VAL A 196 -3.59 -10.15 6.84
N THR A 198 0.43 -11.29 5.94
CA THR A 198 1.81 -10.84 6.04
C THR A 198 1.97 -9.78 7.12
N ARG A 199 2.18 -10.23 8.36
CA ARG A 199 2.35 -9.31 9.48
C ARG A 199 3.82 -9.06 9.78
N TRP A 200 4.61 -8.88 8.73
CA TRP A 200 6.04 -8.62 8.86
C TRP A 200 6.34 -7.12 8.94
N TYR A 201 5.32 -6.31 8.68
CA TYR A 201 5.53 -4.87 8.50
C TYR A 201 4.71 -4.02 9.46
N ARG A 202 4.25 -4.63 10.55
CA ARG A 202 3.46 -3.91 11.53
C ARG A 202 4.36 -3.18 12.52
N ALA A 203 3.85 -2.09 13.08
CA ALA A 203 4.61 -1.27 14.03
C ALA A 203 4.52 -1.85 15.44
N PRO A 204 5.51 -1.53 16.30
CA PRO A 204 5.53 -2.01 17.68
C PRO A 204 4.28 -1.68 18.50
N GLU A 205 3.47 -0.74 18.03
CA GLU A 205 2.25 -0.37 18.74
C GLU A 205 1.05 -1.12 18.16
N ILE A 206 1.19 -1.60 16.93
CA ILE A 206 0.16 -2.38 16.28
C ILE A 206 0.40 -3.87 16.51
N MET A 207 1.15 -4.19 17.57
CA MET A 207 1.38 -5.59 17.92
C MET A 207 0.07 -6.27 18.28
N LEU A 208 -0.82 -5.53 18.95
CA LEU A 208 -2.14 -6.04 19.31
C LEU A 208 -3.15 -4.91 19.48
N GLY A 212 -1.92 1.66 17.14
CA GLY A 212 -1.35 2.36 16.00
C GLY A 212 -2.39 3.15 15.23
N TYR A 213 -2.46 4.44 15.50
CA TYR A 213 -3.45 5.30 14.85
C TYR A 213 -2.87 6.67 14.46
N THR A 214 -1.69 6.66 13.85
CA THR A 214 -1.05 7.89 13.41
C THR A 214 -0.30 7.69 12.10
N LYS A 215 0.32 8.75 11.59
CA LYS A 215 1.09 8.69 10.35
C LYS A 215 2.29 7.77 10.49
N SER A 216 2.84 7.71 11.71
CA SER A 216 4.11 7.04 11.97
C SER A 216 4.06 5.53 11.80
N ILE A 217 2.86 4.97 11.76
CA ILE A 217 2.72 3.52 11.63
C ILE A 217 2.98 3.07 10.18
N ASP A 218 2.82 3.98 9.24
CA ASP A 218 3.11 3.68 7.85
C ASP A 218 4.61 3.78 7.58
N ILE A 219 5.26 4.75 8.24
CA ILE A 219 6.70 4.95 8.10
C ILE A 219 7.48 3.70 8.47
N TRP A 220 7.04 3.04 9.55
CA TRP A 220 7.63 1.78 9.99
C TRP A 220 7.61 0.74 8.88
N SER A 221 6.47 0.60 8.23
CA SER A 221 6.32 -0.34 7.12
C SER A 221 7.27 0.04 5.99
N VAL A 222 7.28 1.32 5.64
CA VAL A 222 8.17 1.83 4.60
C VAL A 222 9.63 1.64 5.03
N GLY A 223 9.86 1.70 6.34
CA GLY A 223 11.18 1.43 6.88
C GLY A 223 11.55 -0.04 6.70
N CYS A 224 10.61 -0.93 6.99
CA CYS A 224 10.80 -2.36 6.80
C CYS A 224 11.05 -2.68 5.32
N ILE A 225 10.35 -1.96 4.45
CA ILE A 225 10.49 -2.16 3.01
C ILE A 225 11.89 -1.78 2.54
N LEU A 226 12.38 -0.65 3.03
CA LEU A 226 13.72 -0.19 2.70
C LEU A 226 14.77 -1.20 3.17
N ALA A 227 14.54 -1.76 4.36
CA ALA A 227 15.41 -2.79 4.90
C ALA A 227 15.34 -4.05 4.06
N GLU A 228 14.18 -4.29 3.45
CA GLU A 228 13.99 -5.48 2.63
C GLU A 228 14.56 -5.27 1.23
N MET A 229 14.53 -4.03 0.76
CA MET A 229 15.13 -3.69 -0.54
C MET A 229 16.64 -3.71 -0.42
N LEU A 230 17.13 -3.56 0.80
CA LEU A 230 18.56 -3.45 1.07
C LEU A 230 19.20 -4.82 1.31
N SER A 231 18.37 -5.79 1.68
CA SER A 231 18.87 -7.13 2.02
C SER A 231 18.29 -8.22 1.13
N ASN A 232 17.34 -7.85 0.28
CA ASN A 232 16.62 -8.80 -0.57
C ASN A 232 15.97 -9.92 0.24
N ARG A 233 15.53 -9.58 1.45
CA ARG A 233 14.91 -10.54 2.37
C ARG A 233 14.18 -9.79 3.48
N PRO A 234 13.13 -10.41 4.05
CA PRO A 234 12.37 -9.77 5.13
C PRO A 234 13.22 -9.44 6.37
N ILE A 235 13.17 -8.20 6.81
CA ILE A 235 13.96 -7.76 7.95
C ILE A 235 13.45 -8.36 9.25
N PHE A 236 12.13 -8.49 9.37
CA PHE A 236 11.51 -9.04 10.58
C PHE A 236 10.56 -10.17 10.21
N PRO A 237 11.09 -11.40 10.12
CA PRO A 237 10.32 -12.58 9.72
C PRO A 237 9.35 -13.07 10.80
N GLY A 238 8.48 -14.00 10.43
CA GLY A 238 7.47 -14.51 11.35
C GLY A 238 6.32 -13.53 11.49
N LYS A 239 5.08 -14.04 11.52
CA LYS A 239 3.92 -13.16 11.54
C LYS A 239 3.12 -13.23 12.84
N HIS A 240 3.79 -13.53 13.96
CA HIS A 240 3.14 -13.48 15.26
C HIS A 240 4.16 -13.24 16.38
N TYR A 241 3.68 -13.17 17.62
CA TYR A 241 4.44 -12.62 18.74
C TYR A 241 5.77 -13.34 19.03
N LEU A 242 5.86 -14.63 18.72
CA LEU A 242 7.05 -15.40 19.05
C LEU A 242 8.18 -15.11 18.07
N ASP A 243 7.88 -14.36 17.01
CA ASP A 243 8.86 -14.11 15.98
C ASP A 243 9.01 -12.62 15.65
N GLN A 244 7.95 -12.03 15.07
CA GLN A 244 8.05 -10.67 14.56
C GLN A 244 8.45 -9.68 15.65
N LEU A 245 7.74 -9.67 16.77
CA LEU A 245 8.11 -8.78 17.87
C LEU A 245 9.26 -9.35 18.68
N ASN A 246 9.72 -10.54 18.29
CA ASN A 246 10.82 -11.20 18.98
C ASN A 246 12.12 -11.04 18.20
N HIS A 247 12.00 -11.04 16.87
CA HIS A 247 13.16 -10.87 16.01
C HIS A 247 13.60 -9.41 15.96
N ILE A 248 12.65 -8.50 16.13
CA ILE A 248 12.97 -7.08 16.16
C ILE A 248 13.84 -6.79 17.39
N LEU A 249 13.61 -7.54 18.46
CA LEU A 249 14.41 -7.39 19.66
C LEU A 249 15.85 -7.82 19.40
N GLY A 250 16.04 -8.72 18.44
CA GLY A 250 17.37 -9.15 18.07
C GLY A 250 18.15 -8.07 17.33
N ILE A 251 17.44 -7.18 16.65
CA ILE A 251 18.08 -6.12 15.86
C ILE A 251 17.92 -4.75 16.51
N LEU A 252 16.69 -4.37 16.80
CA LEU A 252 16.41 -3.07 17.44
C LEU A 252 16.90 -3.06 18.88
N GLY A 253 16.90 -4.23 19.52
CA GLY A 253 17.31 -4.35 20.90
C GLY A 253 16.18 -4.06 21.87
N SER A 254 16.45 -4.24 23.16
CA SER A 254 15.46 -3.94 24.19
C SER A 254 15.17 -2.44 24.19
N PRO A 255 13.89 -2.07 24.31
CA PRO A 255 13.48 -0.66 24.26
C PRO A 255 13.89 0.11 25.49
N SER A 256 13.88 1.44 25.38
CA SER A 256 14.07 2.29 26.55
C SER A 256 12.84 2.13 27.45
N GLN A 257 12.92 2.63 28.68
CA GLN A 257 11.78 2.49 29.60
C GLN A 257 10.63 3.40 29.21
N GLU A 258 10.82 4.17 28.15
CA GLU A 258 9.72 4.92 27.54
C GLU A 258 8.80 3.95 26.83
N ASP A 259 9.40 2.88 26.28
CA ASP A 259 8.69 1.83 25.56
C ASP A 259 7.83 2.41 24.44
N LEU A 266 -1.30 -5.09 28.39
CA LEU A 266 -0.63 -5.40 29.65
C LEU A 266 0.13 -6.72 29.55
N LYS A 267 -0.44 -7.68 28.82
CA LYS A 267 0.18 -8.99 28.68
C LYS A 267 1.34 -8.95 27.70
N ALA A 268 1.37 -7.93 26.85
CA ALA A 268 2.51 -7.70 25.97
C ALA A 268 3.61 -7.00 26.74
N ARG A 269 3.20 -6.23 27.76
CA ARG A 269 4.15 -5.53 28.62
C ARG A 269 4.96 -6.49 29.48
N ASN A 270 4.25 -7.39 30.17
CA ASN A 270 4.91 -8.34 31.06
C ASN A 270 5.78 -9.35 30.32
N TYR A 271 5.41 -9.64 29.08
CA TYR A 271 6.13 -10.61 28.27
C TYR A 271 7.51 -10.11 27.86
N LEU A 272 7.60 -8.82 27.53
CA LEU A 272 8.86 -8.23 27.09
C LEU A 272 9.84 -8.06 28.24
N LEU A 273 9.32 -7.68 29.41
CA LEU A 273 10.16 -7.46 30.58
C LEU A 273 10.79 -8.76 31.06
N SER A 274 10.08 -9.87 30.85
CA SER A 274 10.58 -11.18 31.24
C SER A 274 11.73 -11.62 30.36
N LEU A 275 11.67 -11.25 29.07
CA LEU A 275 12.71 -11.62 28.11
C LEU A 275 14.03 -10.93 28.46
N PRO A 276 15.15 -11.65 28.28
CA PRO A 276 16.49 -11.15 28.60
C PRO A 276 16.86 -9.87 27.84
N HIS A 277 17.71 -9.05 28.42
CA HIS A 277 18.18 -7.83 27.77
C HIS A 277 19.04 -8.16 26.55
N LYS A 278 18.84 -7.42 25.47
CA LYS A 278 19.69 -7.55 24.29
C LYS A 278 20.22 -6.19 23.85
N ASN A 279 21.24 -6.23 23.00
CA ASN A 279 21.83 -5.03 22.44
C ASN A 279 21.48 -4.86 20.96
N LYS A 280 21.60 -3.64 20.45
CA LYS A 280 21.29 -3.36 19.06
C LYS A 280 22.44 -3.73 18.14
N VAL A 281 22.22 -4.72 17.28
CA VAL A 281 23.21 -5.10 16.28
C VAL A 281 23.30 -3.99 15.24
N PRO A 282 24.52 -3.51 14.97
CA PRO A 282 24.76 -2.40 14.03
C PRO A 282 24.15 -2.61 12.65
N TRP A 283 23.50 -1.59 12.11
CA TRP A 283 22.92 -1.66 10.77
C TRP A 283 24.00 -1.93 9.73
N ASN A 284 25.23 -1.51 10.04
CA ASN A 284 26.37 -1.77 9.17
C ASN A 284 27.00 -3.13 9.45
N ARG A 285 26.20 -4.05 10.02
CA ARG A 285 26.59 -5.45 10.11
C ARG A 285 25.62 -6.30 9.29
N LEU A 286 24.33 -5.98 9.40
CA LEU A 286 23.32 -6.63 8.57
C LEU A 286 23.51 -6.17 7.12
N PHE A 287 23.77 -4.88 6.97
CA PHE A 287 23.95 -4.28 5.65
C PHE A 287 25.34 -3.65 5.53
N PRO A 288 26.36 -4.47 5.25
CA PRO A 288 27.73 -3.96 5.14
C PRO A 288 28.05 -3.35 3.78
N ASN A 289 27.38 -3.86 2.74
CA ASN A 289 27.58 -3.35 1.38
C ASN A 289 26.48 -2.37 0.99
N ALA A 290 25.89 -1.70 1.98
CA ALA A 290 24.83 -0.74 1.74
C ALA A 290 25.32 0.70 1.94
N ASP A 291 24.58 1.64 1.37
CA ASP A 291 24.92 3.06 1.47
C ASP A 291 24.90 3.53 2.92
N SER A 292 25.90 4.31 3.31
CA SER A 292 25.98 4.85 4.66
C SER A 292 24.85 5.84 4.92
N LYS A 293 24.42 6.52 3.85
CA LYS A 293 23.31 7.46 3.93
C LYS A 293 22.01 6.74 4.25
N ALA A 294 21.69 5.74 3.43
CA ALA A 294 20.44 5.00 3.55
C ALA A 294 20.29 4.34 4.92
N LEU A 295 21.40 3.83 5.46
CA LEU A 295 21.37 3.14 6.75
C LEU A 295 21.03 4.11 7.88
N ASP A 296 21.42 5.37 7.73
CA ASP A 296 21.07 6.40 8.68
C ASP A 296 19.56 6.64 8.65
N LEU A 297 19.03 6.80 7.44
CA LEU A 297 17.60 6.99 7.25
C LEU A 297 16.82 5.76 7.71
N LEU A 298 17.32 4.58 7.35
CA LEU A 298 16.70 3.32 7.74
C LEU A 298 16.53 3.23 9.26
N ASP A 299 17.53 3.68 9.99
CA ASP A 299 17.46 3.66 11.46
C ASP A 299 16.48 4.71 11.97
N LYS A 300 16.37 5.82 11.26
CA LYS A 300 15.45 6.89 11.63
C LYS A 300 14.00 6.50 11.37
N MET A 301 13.80 5.63 10.38
CA MET A 301 12.47 5.16 10.05
C MET A 301 12.07 3.99 10.94
N LEU A 302 13.04 3.14 11.26
CA LEU A 302 12.77 1.96 12.08
C LEU A 302 13.17 2.16 13.54
N THR A 303 12.70 3.24 14.16
CA THR A 303 12.84 3.40 15.60
C THR A 303 11.67 2.73 16.30
N PHE A 304 11.87 2.35 17.55
CA PHE A 304 10.84 1.63 18.29
C PHE A 304 9.61 2.49 18.57
N ASN A 305 9.78 3.57 19.32
CA ASN A 305 8.66 4.42 19.71
C ASN A 305 8.17 5.31 18.55
N PRO A 306 6.84 5.39 18.36
CA PRO A 306 6.22 6.20 17.31
C PRO A 306 6.57 7.68 17.41
N HIS A 307 6.72 8.17 18.64
CA HIS A 307 7.07 9.56 18.85
C HIS A 307 8.49 9.81 18.35
N LYS A 308 8.65 10.87 17.56
CA LYS A 308 9.92 11.22 16.94
C LYS A 308 10.47 10.08 16.08
N ARG A 309 9.57 9.26 15.53
CA ARG A 309 9.96 8.19 14.61
C ARG A 309 9.98 8.75 13.19
N ILE A 310 10.58 9.92 13.03
CA ILE A 310 10.67 10.67 11.78
C ILE A 310 9.30 10.93 11.15
N GLU A 311 9.28 11.77 10.11
CA GLU A 311 8.04 12.11 9.42
C GLU A 311 8.30 12.17 7.92
N VAL A 312 7.22 12.13 7.14
CA VAL A 312 7.30 12.39 5.71
C VAL A 312 7.81 13.83 5.52
N GLU A 313 8.28 14.14 4.33
CA GLU A 313 8.96 15.40 4.02
C GLU A 313 10.32 15.50 4.74
N GLN A 314 10.35 15.16 6.02
CA GLN A 314 11.61 15.09 6.74
C GLN A 314 12.49 14.02 6.12
N ALA A 315 11.89 12.86 5.83
CA ALA A 315 12.58 11.77 5.18
C ALA A 315 12.97 12.16 3.76
N LEU A 316 12.16 13.01 3.14
CA LEU A 316 12.45 13.48 1.79
C LEU A 316 13.64 14.43 1.78
N ALA A 317 13.88 15.08 2.92
CA ALA A 317 14.99 16.04 3.03
C ALA A 317 16.30 15.36 3.38
N HIS A 318 16.24 14.06 3.66
CA HIS A 318 17.43 13.28 4.00
C HIS A 318 18.41 13.26 2.83
N PRO A 319 19.71 13.41 3.13
CA PRO A 319 20.81 13.40 2.15
C PRO A 319 20.74 12.26 1.14
N TYR A 320 20.20 11.13 1.56
CA TYR A 320 20.05 9.97 0.67
C TYR A 320 19.10 10.29 -0.48
N LEU A 321 18.18 11.22 -0.23
CA LEU A 321 17.25 11.69 -1.26
C LEU A 321 17.45 13.17 -1.55
N GLU A 322 18.55 13.49 -2.22
CA GLU A 322 18.81 14.86 -2.65
C GLU A 322 18.73 14.96 -4.17
N GLN A 323 19.00 13.85 -4.83
CA GLN A 323 19.01 13.78 -6.29
C GLN A 323 17.58 13.79 -6.85
N TYR A 324 16.62 13.47 -6.01
CA TYR A 324 15.23 13.35 -6.46
C TYR A 324 14.29 14.34 -5.78
N TYR A 325 14.63 14.76 -4.56
CA TYR A 325 13.75 15.63 -3.79
C TYR A 325 13.56 17.00 -4.45
N ASP A 326 12.30 17.30 -4.76
CA ASP A 326 11.93 18.56 -5.39
C ASP A 326 10.57 19.00 -4.88
N PRO A 327 10.54 19.66 -3.72
CA PRO A 327 9.31 20.08 -3.04
C PRO A 327 8.47 21.06 -3.86
N SER A 328 9.06 21.64 -4.91
CA SER A 328 8.33 22.56 -5.77
C SER A 328 7.43 21.82 -6.75
N ASP A 329 7.83 20.60 -7.12
CA ASP A 329 7.08 19.80 -8.07
C ASP A 329 6.18 18.78 -7.38
N GLU A 330 6.68 18.18 -6.30
CA GLU A 330 5.96 17.14 -5.57
C GLU A 330 4.63 17.65 -5.01
N PRO A 331 3.51 17.08 -5.50
CA PRO A 331 2.17 17.52 -5.11
C PRO A 331 1.80 17.15 -3.67
N ILE A 332 1.00 17.99 -3.05
CA ILE A 332 0.47 17.73 -1.71
C ILE A 332 -1.06 17.80 -1.74
N ALA A 333 -1.70 17.36 -0.67
CA ALA A 333 -3.15 17.34 -0.61
C ALA A 333 -3.71 18.76 -0.61
N GLU A 334 -4.73 18.98 -1.46
CA GLU A 334 -5.36 20.29 -1.57
C GLU A 334 -6.11 20.64 -0.29
N ALA A 335 -6.66 19.60 0.36
CA ALA A 335 -7.38 19.77 1.61
C ALA A 335 -7.56 18.42 2.30
N PRO A 336 -7.53 18.42 3.64
CA PRO A 336 -7.70 17.18 4.42
C PRO A 336 -9.03 16.50 4.11
N PHE A 337 -9.05 15.17 4.21
CA PHE A 337 -10.26 14.39 3.97
C PHE A 337 -11.32 14.73 5.01
N LYS A 338 -12.33 15.48 4.59
CA LYS A 338 -13.37 15.97 5.51
C LYS A 338 -14.20 14.84 6.11
N PHE A 339 -15.07 15.17 7.06
CA PHE A 339 -15.79 14.17 7.82
C PHE A 339 -17.30 14.18 7.56
N ASP A 340 -18.05 13.65 8.53
CA ASP A 340 -19.51 13.49 8.47
C ASP A 340 -19.93 12.46 7.42
N MET A 341 -19.27 12.47 6.27
CA MET A 341 -19.57 11.55 5.18
C MET A 341 -19.04 10.15 5.47
N GLU A 342 -18.13 10.05 6.43
CA GLU A 342 -17.52 8.77 6.76
C GLU A 342 -17.65 8.43 8.24
N LEU A 343 -18.51 7.47 8.55
CA LEU A 343 -18.64 6.91 9.89
C LEU A 343 -19.25 5.53 9.77
N ASP A 344 -18.41 4.56 9.40
CA ASP A 344 -18.88 3.24 9.00
C ASP A 344 -19.25 2.34 10.17
N ASP A 345 -20.23 2.77 10.96
CA ASP A 345 -20.86 1.91 11.94
C ASP A 345 -22.25 1.52 11.42
N LEU A 346 -22.42 1.67 10.10
CA LEU A 346 -23.69 1.45 9.44
C LEU A 346 -23.88 -0.02 9.05
N PRO A 347 -25.14 -0.47 8.93
CA PRO A 347 -25.39 -1.83 8.46
C PRO A 347 -25.00 -2.02 7.00
N LYS A 348 -24.84 -3.27 6.57
CA LYS A 348 -24.43 -3.57 5.20
C LYS A 348 -25.44 -3.04 4.17
N GLU A 349 -26.70 -2.95 4.59
CA GLU A 349 -27.78 -2.50 3.72
C GLU A 349 -27.59 -1.05 3.29
N LYS A 350 -27.11 -0.23 4.22
CA LYS A 350 -26.88 1.19 3.97
C LYS A 350 -25.55 1.42 3.26
N LEU A 351 -24.60 0.51 3.47
CA LEU A 351 -23.29 0.62 2.84
C LEU A 351 -23.38 0.36 1.34
N LYS A 352 -24.21 -0.61 0.96
CA LYS A 352 -24.46 -0.91 -0.44
C LYS A 352 -25.01 0.31 -1.17
N GLU A 353 -25.89 1.03 -0.49
CA GLU A 353 -26.47 2.25 -1.02
C GLU A 353 -25.38 3.30 -1.24
N LEU A 354 -24.44 3.36 -0.31
CA LEU A 354 -23.31 4.29 -0.41
C LEU A 354 -22.37 3.91 -1.55
N ILE A 355 -22.19 2.60 -1.76
CA ILE A 355 -21.43 2.12 -2.90
C ILE A 355 -22.09 2.58 -4.20
N PHE A 356 -23.41 2.43 -4.26
CA PHE A 356 -24.19 2.78 -5.43
C PHE A 356 -24.04 4.24 -5.83
N GLU A 357 -24.08 5.14 -4.84
CA GLU A 357 -23.93 6.56 -5.08
C GLU A 357 -22.52 6.88 -5.59
N GLU A 358 -21.52 6.34 -4.91
CA GLU A 358 -20.13 6.55 -5.30
C GLU A 358 -19.81 5.96 -6.66
N THR A 359 -20.56 4.92 -7.04
CA THR A 359 -20.31 4.24 -8.31
C THR A 359 -21.12 4.85 -9.45
N ALA A 360 -22.24 5.49 -9.11
CA ALA A 360 -23.13 6.07 -10.11
C ALA A 360 -22.43 7.14 -10.95
N ARG A 361 -21.34 7.68 -10.40
CA ARG A 361 -20.53 8.67 -11.09
C ARG A 361 -19.85 8.06 -12.32
N PHE A 362 -19.76 6.74 -12.35
CA PHE A 362 -19.07 6.03 -13.44
C PHE A 362 -20.02 5.26 -14.35
N GLN A 363 -21.26 5.06 -13.89
CA GLN A 363 -22.21 4.27 -14.65
C GLN A 363 -22.56 4.93 -15.98
N PRO A 364 -22.36 4.19 -17.09
CA PRO A 364 -22.47 4.65 -18.48
C PRO A 364 -23.71 5.50 -18.77
N GLY A 365 -24.86 5.11 -18.25
CA GLY A 365 -26.09 5.82 -18.52
C GLY A 365 -26.36 6.99 -17.59
N TYR A 366 -25.66 7.02 -16.46
CA TYR A 366 -25.91 8.03 -15.45
C TYR A 366 -24.66 8.86 -15.15
N LEU B 1 18.13 12.02 -24.96
CA LEU B 1 17.74 12.63 -23.69
C LEU B 1 16.45 12.00 -23.17
N VAL B 2 16.60 11.02 -22.28
CA VAL B 2 15.45 10.39 -21.63
C VAL B 2 15.66 10.33 -20.12
N LYS B 3 14.99 11.21 -19.39
CA LYS B 3 15.13 11.26 -17.94
C LYS B 3 14.42 10.07 -17.28
N LYS B 4 14.29 10.12 -15.95
CA LYS B 4 13.65 9.07 -15.16
C LYS B 4 14.38 7.74 -15.26
N TYR B 5 15.58 7.77 -15.83
CA TYR B 5 16.45 6.60 -16.00
C TYR B 5 15.85 5.53 -16.92
N ILE B 6 16.71 4.67 -17.46
CA ILE B 6 16.28 3.71 -18.48
C ILE B 6 16.55 2.25 -18.08
N LEU B 7 15.58 1.64 -17.41
CA LEU B 7 15.61 0.22 -17.10
C LEU B 7 14.18 -0.29 -16.91
N ALA B 8 13.88 -1.47 -17.43
CA ALA B 8 12.50 -1.95 -17.47
C ALA B 8 12.20 -3.03 -16.43
N LEU B 9 13.17 -3.33 -15.56
CA LEU B 9 13.01 -4.36 -14.54
C LEU B 9 12.58 -5.68 -15.18
N TRP B 10 11.29 -5.99 -15.05
CA TRP B 10 10.45 -6.82 -15.95
C TRP B 10 9.55 -7.85 -15.27
N ASN B 11 9.23 -8.89 -16.02
CA ASN B 11 8.12 -9.84 -15.81
C ASN B 11 7.62 -10.17 -14.40
N GLU B 12 6.32 -10.39 -14.31
CA GLU B 12 5.67 -10.90 -13.11
C GLU B 12 6.01 -12.36 -12.87
O5' 5ID C . 0.24 -8.27 -5.59
C5' 5ID C . -0.95 -8.07 -6.33
C4' 5ID C . -0.77 -8.45 -7.77
O4' 5ID C . -2.03 -8.34 -8.48
C1' 5ID C . -1.80 -7.84 -9.79
N9 5ID C . -2.44 -6.52 -9.90
C8 5ID C . -3.31 -6.02 -8.99
C7 5ID C . -3.66 -4.78 -9.47
C5 5ID C . -2.98 -4.50 -10.75
C6 5ID C . -2.93 -3.46 -11.65
N1 5ID C . -2.15 -3.59 -12.75
C2 5ID C . -1.43 -4.72 -12.93
N3 5ID C . -1.47 -5.72 -12.05
C4 5ID C . -2.24 -5.65 -10.93
N6 5ID C . -3.67 -2.33 -11.46
C2' 5ID C . -0.29 -7.78 -10.00
O2' 5ID C . 0.14 -9.03 -10.51
C3' 5ID C . 0.20 -7.58 -8.58
O3' 5ID C . 1.55 -7.94 -8.39
IAE 5ID C . -5.02 -3.42 -8.53
#